data_2H6N
#
_entry.id   2H6N
#
_cell.length_a   134.745
_cell.length_b   46.131
_cell.length_c   112.694
_cell.angle_alpha   90.00
_cell.angle_beta   117.17
_cell.angle_gamma   90.00
#
_symmetry.space_group_name_H-M   'C 1 2 1'
#
loop_
_entity.id
_entity.type
_entity.pdbx_description
1 polymer 'WD-repeat protein 5'
2 polymer 'Histone H3 K4-Me2 9-residue peptide'
3 water water
#
loop_
_entity_poly.entity_id
_entity_poly.type
_entity_poly.pdbx_seq_one_letter_code
_entity_poly.pdbx_strand_id
1 'polypeptide(L)'
;ATQSKPTPVKPNYALKFTLAGHTKAVSSVKFSPNGEWLASSSADKLIKIWGAYDGKFEKTISGHKLGISDVAWSSDSNLL
VSASDDKTLKIWDVSSGKCLKTLKGHSNYVFCCNFNPQSNLIVSGSFDESVRIWDVKTGKCLKTLPAHSDPVSAVHFNRD
GSLIVSSSYDGLCRIWDTASGQCLKTLIDDDNPPVSFVKFSPNGKYILAATLDNTLKLWDYSKGKCLKTYTGHKNEKYCI
FANFSVTGGKWIVSGSEDNLVYIWNLQTKEIVQKLQGHTDVVISTACHPTENIIASAALENDKTIKLWKSDC
;
A,B
2 'polypeptide(L)' ART(MLY)QTARK C,D
#
# COMPACT_ATOMS: atom_id res chain seq x y z
N VAL A 9 15.47 -21.85 0.64
CA VAL A 9 15.02 -23.27 0.84
C VAL A 9 13.54 -23.33 1.28
N LYS A 10 13.21 -22.60 2.34
CA LYS A 10 11.81 -22.48 2.77
C LYS A 10 11.52 -21.03 3.13
N PRO A 11 10.32 -20.53 2.78
CA PRO A 11 9.93 -19.19 3.22
C PRO A 11 9.54 -19.20 4.69
N ASN A 12 9.36 -18.02 5.28
CA ASN A 12 8.94 -17.92 6.67
C ASN A 12 7.80 -16.91 6.84
N TYR A 13 6.80 -17.00 5.96
CA TYR A 13 5.61 -16.15 6.03
C TYR A 13 5.03 -16.08 7.42
N ALA A 14 4.85 -14.86 7.90
CA ALA A 14 4.30 -14.60 9.22
C ALA A 14 3.14 -13.63 9.10
N LEU A 15 2.12 -13.82 9.94
CA LEU A 15 0.91 -13.00 9.89
C LEU A 15 1.22 -11.58 10.32
N LYS A 16 0.85 -10.63 9.47
CA LYS A 16 1.05 -9.22 9.78
C LYS A 16 -0.25 -8.50 10.09
N PHE A 17 -1.30 -8.77 9.31
CA PHE A 17 -2.57 -8.06 9.46
C PHE A 17 -3.75 -8.98 9.20
N THR A 18 -4.85 -8.71 9.88
CA THR A 18 -6.15 -9.28 9.58
C THR A 18 -7.12 -8.14 9.23
N LEU A 19 -7.68 -8.23 8.02
CA LEU A 19 -8.54 -7.21 7.44
C LEU A 19 -10.01 -7.62 7.48
N ALA A 20 -10.75 -6.99 8.37
CA ALA A 20 -12.16 -7.27 8.55
C ALA A 20 -13.01 -6.16 7.97
N GLY A 21 -14.19 -6.51 7.49
CA GLY A 21 -15.13 -5.54 6.99
C GLY A 21 -16.20 -6.16 6.12
N HIS A 22 -15.86 -7.17 5.34
CA HIS A 22 -16.89 -7.81 4.50
C HIS A 22 -17.93 -8.51 5.38
N THR A 23 -19.17 -8.55 4.91
CA THR A 23 -20.27 -9.06 5.74
C THR A 23 -20.78 -10.43 5.28
N LYS A 24 -20.17 -10.95 4.22
CA LYS A 24 -20.36 -12.33 3.77
C LYS A 24 -19.00 -12.88 3.38
N ALA A 25 -18.97 -14.14 2.96
CA ALA A 25 -17.72 -14.77 2.48
C ALA A 25 -16.95 -13.86 1.53
N VAL A 26 -15.63 -13.84 1.66
CA VAL A 26 -14.80 -13.13 0.69
C VAL A 26 -14.60 -14.07 -0.49
N SER A 27 -14.54 -13.55 -1.72
CA SER A 27 -14.40 -14.42 -2.90
C SER A 27 -13.06 -14.32 -3.60
N SER A 28 -12.46 -13.12 -3.60
CA SER A 28 -11.23 -12.88 -4.36
C SER A 28 -10.46 -11.72 -3.79
N VAL A 29 -9.15 -11.86 -3.76
CA VAL A 29 -8.25 -10.75 -3.42
C VAL A 29 -7.17 -10.65 -4.50
N LYS A 30 -6.81 -9.42 -4.84
CA LYS A 30 -5.81 -9.13 -5.87
C LYS A 30 -5.01 -7.89 -5.50
N PHE A 31 -3.69 -7.97 -5.61
CA PHE A 31 -2.87 -6.76 -5.44
C PHE A 31 -2.84 -5.90 -6.69
N SER A 32 -2.79 -4.58 -6.51
CA SER A 32 -2.61 -3.71 -7.67
C SER A 32 -1.21 -3.91 -8.26
N PRO A 33 -1.07 -3.76 -9.60
CA PRO A 33 0.23 -3.92 -10.23
C PRO A 33 1.32 -3.03 -9.66
N ASN A 34 0.96 -1.85 -9.15
CA ASN A 34 1.94 -0.94 -8.56
C ASN A 34 2.28 -1.25 -7.12
N GLY A 35 1.63 -2.28 -6.57
CA GLY A 35 1.92 -2.78 -5.24
C GLY A 35 1.30 -2.02 -4.07
N GLU A 36 0.58 -0.95 -4.34
CA GLU A 36 0.09 -0.05 -3.28
C GLU A 36 -1.16 -0.57 -2.59
N TRP A 37 -1.99 -1.30 -3.32
CA TRP A 37 -3.33 -1.66 -2.87
C TRP A 37 -3.64 -3.15 -2.98
N LEU A 38 -4.58 -3.58 -2.14
CA LEU A 38 -5.24 -4.86 -2.30
C LEU A 38 -6.71 -4.55 -2.54
N ALA A 39 -7.31 -5.21 -3.53
CA ALA A 39 -8.75 -5.19 -3.71
C ALA A 39 -9.32 -6.54 -3.32
N SER A 40 -10.49 -6.52 -2.69
CA SER A 40 -11.20 -7.73 -2.35
C SER A 40 -12.62 -7.65 -2.86
N SER A 41 -13.19 -8.81 -3.20
CA SER A 41 -14.60 -8.90 -3.57
C SER A 41 -15.27 -9.90 -2.65
N SER A 42 -16.59 -9.81 -2.59
CA SER A 42 -17.33 -10.64 -1.65
C SER A 42 -18.71 -10.98 -2.14
N ALA A 43 -19.26 -12.05 -1.58
CA ALA A 43 -20.67 -12.36 -1.75
C ALA A 43 -21.59 -11.24 -1.23
N ASP A 44 -21.03 -10.30 -0.44
CA ASP A 44 -21.78 -9.16 0.08
C ASP A 44 -22.03 -8.04 -0.93
N LYS A 45 -21.64 -8.28 -2.19
CA LYS A 45 -21.88 -7.36 -3.32
C LYS A 45 -20.90 -6.18 -3.36
N LEU A 46 -19.88 -6.22 -2.49
CA LEU A 46 -18.96 -5.09 -2.35
C LEU A 46 -17.55 -5.41 -2.78
N ILE A 47 -16.87 -4.36 -3.25
CA ILE A 47 -15.44 -4.40 -3.45
C ILE A 47 -14.87 -3.50 -2.37
N LYS A 48 -13.81 -3.95 -1.71
CA LYS A 48 -13.09 -3.10 -0.76
C LYS A 48 -11.65 -2.96 -1.17
N ILE A 49 -11.09 -1.78 -0.90
CA ILE A 49 -9.68 -1.49 -1.18
C ILE A 49 -8.95 -1.26 0.13
N TRP A 50 -7.74 -1.81 0.23
CA TRP A 50 -6.96 -1.80 1.46
C TRP A 50 -5.53 -1.45 1.09
N GLY A 51 -4.83 -0.77 1.99
CA GLY A 51 -3.39 -0.56 1.81
C GLY A 51 -2.61 -1.84 1.93
N ALA A 52 -1.75 -2.11 0.95
CA ALA A 52 -1.00 -3.36 0.92
C ALA A 52 0.02 -3.49 2.04
N TYR A 53 0.51 -2.37 2.55
CA TYR A 53 1.64 -2.39 3.50
C TYR A 53 1.25 -2.13 4.94
N ASP A 54 0.17 -1.40 5.16
CA ASP A 54 -0.32 -1.15 6.52
C ASP A 54 -1.68 -1.78 6.79
N GLY A 55 -2.23 -2.44 5.77
CA GLY A 55 -3.52 -3.12 5.87
C GLY A 55 -4.70 -2.23 6.17
N LYS A 56 -4.51 -0.92 5.99
CA LYS A 56 -5.54 0.07 6.33
C LYS A 56 -6.67 0.09 5.32
N PHE A 57 -7.90 -0.03 5.81
CA PHE A 57 -9.06 0.10 4.94
C PHE A 57 -9.09 1.46 4.25
N GLU A 58 -9.26 1.45 2.94
CA GLU A 58 -9.32 2.66 2.15
C GLU A 58 -10.73 3.06 1.74
N LYS A 59 -11.45 2.16 1.05
CA LYS A 59 -12.80 2.49 0.61
C LYS A 59 -13.60 1.27 0.18
N THR A 60 -14.92 1.45 0.14
CA THR A 60 -15.85 0.45 -0.37
C THR A 60 -16.40 0.94 -1.72
N ILE A 61 -16.48 0.02 -2.67
CA ILE A 61 -17.01 0.33 -3.99
C ILE A 61 -18.26 -0.54 -4.18
N SER A 62 -19.39 0.13 -4.41
CA SER A 62 -20.68 -0.55 -4.44
C SER A 62 -21.42 -0.27 -5.72
N GLY A 63 -22.34 -1.17 -6.06
CA GLY A 63 -23.18 -0.99 -7.23
C GLY A 63 -23.76 -2.26 -7.81
N HIS A 64 -23.03 -3.36 -7.68
CA HIS A 64 -23.57 -4.63 -8.13
C HIS A 64 -24.83 -4.99 -7.35
N LYS A 65 -25.74 -5.69 -8.02
CA LYS A 65 -27.03 -6.04 -7.42
C LYS A 65 -26.99 -7.38 -6.68
N LEU A 66 -25.96 -8.18 -6.95
CA LEU A 66 -25.75 -9.46 -6.29
C LEU A 66 -24.27 -9.67 -6.04
N GLY A 67 -23.94 -10.81 -5.42
CA GLY A 67 -22.57 -11.11 -5.04
C GLY A 67 -21.55 -11.06 -6.17
N ILE A 68 -20.30 -10.85 -5.78
CA ILE A 68 -19.20 -10.72 -6.72
C ILE A 68 -18.23 -11.89 -6.52
N SER A 69 -17.88 -12.57 -7.61
CA SER A 69 -16.98 -13.72 -7.53
C SER A 69 -15.52 -13.42 -7.86
N ASP A 70 -15.24 -12.28 -8.51
CA ASP A 70 -13.87 -11.99 -8.91
C ASP A 70 -13.73 -10.49 -9.17
N VAL A 71 -12.48 -10.02 -9.02
CA VAL A 71 -12.12 -8.64 -9.30
C VAL A 71 -10.72 -8.67 -9.95
N ALA A 72 -10.42 -7.69 -10.79
CA ALA A 72 -9.11 -7.61 -11.46
C ALA A 72 -8.70 -6.18 -11.73
N TRP A 73 -7.39 -5.92 -11.72
CA TRP A 73 -6.83 -4.58 -11.91
C TRP A 73 -6.32 -4.35 -13.32
N SER A 74 -6.46 -3.11 -13.80
CA SER A 74 -5.74 -2.67 -15.01
C SER A 74 -4.27 -2.43 -14.70
N SER A 75 -3.44 -2.36 -15.75
CA SER A 75 -1.98 -2.27 -15.61
C SER A 75 -1.50 -0.98 -14.98
N ASP A 76 -2.30 0.07 -15.10
CA ASP A 76 -1.93 1.35 -14.52
C ASP A 76 -2.50 1.52 -13.12
N SER A 77 -3.07 0.44 -12.58
CA SER A 77 -3.63 0.42 -11.22
C SER A 77 -4.81 1.42 -11.04
N ASN A 78 -5.37 1.89 -12.16
CA ASN A 78 -6.41 2.94 -12.13
C ASN A 78 -7.82 2.43 -12.29
N LEU A 79 -7.96 1.23 -12.86
CA LEU A 79 -9.26 0.63 -13.09
C LEU A 79 -9.35 -0.73 -12.45
N LEU A 80 -10.56 -1.08 -12.03
CA LEU A 80 -10.90 -2.42 -11.60
C LEU A 80 -12.06 -2.94 -12.43
N VAL A 81 -12.09 -4.24 -12.67
CA VAL A 81 -13.29 -4.88 -13.22
C VAL A 81 -13.76 -5.93 -12.22
N SER A 82 -15.07 -6.06 -12.08
CA SER A 82 -15.67 -7.08 -11.21
C SER A 82 -16.66 -7.95 -11.96
N ALA A 83 -16.78 -9.20 -11.51
CA ALA A 83 -17.63 -10.22 -12.14
C ALA A 83 -18.69 -10.63 -11.13
N SER A 84 -19.98 -10.45 -11.48
CA SER A 84 -21.05 -10.63 -10.52
C SER A 84 -22.12 -11.67 -10.88
N ASP A 85 -22.76 -12.22 -9.84
CA ASP A 85 -23.94 -13.05 -10.03
C ASP A 85 -25.12 -12.31 -10.70
N ASP A 86 -25.05 -10.97 -10.73
CA ASP A 86 -26.08 -10.18 -11.41
C ASP A 86 -25.98 -10.23 -12.94
N LYS A 87 -25.07 -11.09 -13.43
CA LYS A 87 -24.88 -11.37 -14.86
C LYS A 87 -24.11 -10.30 -15.60
N THR A 88 -23.59 -9.32 -14.85
CA THR A 88 -22.78 -8.25 -15.45
C THR A 88 -21.35 -8.23 -14.92
N LEU A 89 -20.47 -7.57 -15.65
CA LEU A 89 -19.24 -7.05 -15.09
C LEU A 89 -19.37 -5.54 -15.00
N LYS A 90 -18.62 -4.95 -14.09
CA LYS A 90 -18.56 -3.48 -14.00
C LYS A 90 -17.10 -3.04 -14.03
N ILE A 91 -16.83 -1.95 -14.76
CA ILE A 91 -15.51 -1.32 -14.74
C ILE A 91 -15.58 -0.09 -13.85
N TRP A 92 -14.64 -0.01 -12.91
CA TRP A 92 -14.66 1.04 -11.90
C TRP A 92 -13.40 1.88 -11.97
N ASP A 93 -13.57 3.19 -11.74
CA ASP A 93 -12.46 4.11 -11.51
C ASP A 93 -12.18 4.00 -10.02
N VAL A 94 -11.02 3.48 -9.64
CA VAL A 94 -10.74 3.23 -8.23
C VAL A 94 -10.60 4.54 -7.41
N SER A 95 -10.04 5.56 -8.04
CA SER A 95 -9.82 6.84 -7.33
C SER A 95 -11.11 7.52 -6.95
N SER A 96 -12.11 7.47 -7.83
CA SER A 96 -13.44 8.05 -7.54
C SER A 96 -14.45 7.05 -6.98
N GLY A 97 -14.24 5.76 -7.25
CA GLY A 97 -15.17 4.72 -6.81
C GLY A 97 -16.36 4.55 -7.74
N LYS A 98 -16.34 5.25 -8.86
CA LYS A 98 -17.50 5.30 -9.73
C LYS A 98 -17.48 4.20 -10.76
N CYS A 99 -18.67 3.69 -11.06
CA CYS A 99 -18.84 2.75 -12.14
C CYS A 99 -18.75 3.50 -13.47
N LEU A 100 -17.79 3.11 -14.29
CA LEU A 100 -17.58 3.72 -15.61
C LEU A 100 -18.44 3.06 -16.68
N LYS A 101 -18.52 1.73 -16.64
CA LYS A 101 -19.25 0.95 -17.64
C LYS A 101 -19.80 -0.31 -17.00
N THR A 102 -20.95 -0.77 -17.48
CA THR A 102 -21.53 -2.06 -17.10
C THR A 102 -21.55 -2.94 -18.36
N LEU A 103 -20.92 -4.10 -18.25
CA LEU A 103 -20.73 -5.01 -19.37
C LEU A 103 -21.83 -6.05 -19.33
N LYS A 104 -22.74 -5.97 -20.30
CA LYS A 104 -23.95 -6.79 -20.30
C LYS A 104 -23.92 -7.73 -21.49
N GLY A 105 -24.36 -8.97 -21.27
CA GLY A 105 -24.37 -9.96 -22.34
C GLY A 105 -24.41 -11.40 -21.85
N HIS A 106 -23.70 -11.71 -20.76
CA HIS A 106 -23.80 -13.05 -20.18
C HIS A 106 -25.23 -13.35 -19.72
N SER A 107 -25.63 -14.63 -19.80
CA SER A 107 -26.99 -15.02 -19.45
C SER A 107 -27.07 -15.75 -18.12
N ASN A 108 -25.96 -15.79 -17.40
CA ASN A 108 -25.92 -16.39 -16.07
C ASN A 108 -24.74 -15.79 -15.32
N TYR A 109 -24.54 -16.21 -14.08
CA TYR A 109 -23.52 -15.60 -13.21
C TYR A 109 -22.18 -15.41 -13.92
N VAL A 110 -21.56 -14.25 -13.76
CA VAL A 110 -20.20 -14.06 -14.24
C VAL A 110 -19.25 -14.44 -13.11
N PHE A 111 -18.30 -15.33 -13.38
CA PHE A 111 -17.54 -16.00 -12.33
C PHE A 111 -16.10 -15.53 -12.24
N CYS A 112 -15.55 -15.06 -13.36
CA CYS A 112 -14.11 -14.76 -13.41
C CYS A 112 -13.85 -13.69 -14.44
N CYS A 113 -12.79 -12.93 -14.23
CA CYS A 113 -12.49 -11.81 -15.13
C CYS A 113 -11.01 -11.43 -15.03
N ASN A 114 -10.51 -10.79 -16.06
CA ASN A 114 -9.14 -10.28 -16.07
C ASN A 114 -8.96 -9.28 -17.19
N PHE A 115 -8.11 -8.27 -16.99
CA PHE A 115 -7.68 -7.38 -18.06
C PHE A 115 -6.53 -8.03 -18.80
N ASN A 116 -6.36 -7.67 -20.08
CA ASN A 116 -5.11 -8.00 -20.77
C ASN A 116 -4.00 -7.02 -20.34
N PRO A 117 -2.72 -7.40 -20.53
CA PRO A 117 -1.62 -6.50 -20.18
C PRO A 117 -1.72 -5.09 -20.77
N GLN A 118 -2.19 -4.99 -22.02
CA GLN A 118 -2.41 -3.69 -22.67
C GLN A 118 -3.49 -2.87 -21.97
N SER A 119 -4.40 -3.58 -21.31
CA SER A 119 -5.52 -3.05 -20.53
C SER A 119 -6.62 -2.39 -21.37
N ASN A 120 -6.68 -2.79 -22.64
CA ASN A 120 -7.72 -2.42 -23.57
C ASN A 120 -8.83 -3.48 -23.76
N LEU A 121 -8.59 -4.68 -23.25
CA LEU A 121 -9.59 -5.76 -23.28
C LEU A 121 -9.80 -6.37 -21.89
N ILE A 122 -11.00 -6.89 -21.68
CA ILE A 122 -11.33 -7.68 -20.51
C ILE A 122 -11.82 -9.03 -21.02
N VAL A 123 -11.42 -10.10 -20.35
CA VAL A 123 -11.99 -11.42 -20.60
C VAL A 123 -12.81 -11.84 -19.40
N SER A 124 -13.93 -12.51 -19.66
CA SER A 124 -14.79 -13.01 -18.57
C SER A 124 -15.24 -14.41 -18.86
N GLY A 125 -15.54 -15.14 -17.79
CA GLY A 125 -16.11 -16.47 -17.90
C GLY A 125 -17.37 -16.54 -17.07
N SER A 126 -18.30 -17.39 -17.47
CA SER A 126 -19.61 -17.41 -16.85
C SER A 126 -20.20 -18.81 -16.66
N PHE A 127 -21.17 -18.90 -15.77
CA PHE A 127 -21.96 -20.13 -15.64
C PHE A 127 -22.74 -20.43 -16.92
N ASP A 128 -22.83 -19.44 -17.81
CA ASP A 128 -23.50 -19.64 -19.12
C ASP A 128 -22.63 -20.44 -20.11
N GLU A 129 -21.44 -20.84 -19.65
CA GLU A 129 -20.57 -21.75 -20.39
C GLU A 129 -19.78 -21.05 -21.49
N SER A 130 -19.86 -19.72 -21.50
CA SER A 130 -19.13 -18.93 -22.49
C SER A 130 -18.00 -18.12 -21.86
N VAL A 131 -17.09 -17.73 -22.73
CA VAL A 131 -16.02 -16.78 -22.47
C VAL A 131 -16.33 -15.60 -23.35
N ARG A 132 -16.31 -14.40 -22.78
CA ARG A 132 -16.52 -13.17 -23.56
C ARG A 132 -15.30 -12.27 -23.50
N ILE A 133 -15.05 -11.57 -24.61
CA ILE A 133 -13.97 -10.62 -24.69
C ILE A 133 -14.61 -9.25 -24.93
N TRP A 134 -14.22 -8.27 -24.12
CA TRP A 134 -14.89 -6.97 -24.10
C TRP A 134 -13.91 -5.84 -24.39
N ASP A 135 -14.41 -4.82 -25.08
CA ASP A 135 -13.64 -3.61 -25.31
C ASP A 135 -13.77 -2.68 -24.11
N VAL A 136 -12.65 -2.33 -23.48
CA VAL A 136 -12.66 -1.50 -22.28
C VAL A 136 -13.22 -0.09 -22.59
N LYS A 137 -12.82 0.48 -23.73
CA LYS A 137 -13.18 1.85 -24.07
C LYS A 137 -14.69 2.04 -24.25
N THR A 138 -15.32 1.12 -24.97
CA THR A 138 -16.74 1.22 -25.32
C THR A 138 -17.66 0.41 -24.41
N GLY A 139 -17.10 -0.60 -23.73
CA GLY A 139 -17.89 -1.49 -22.90
C GLY A 139 -18.66 -2.52 -23.71
N LYS A 140 -18.36 -2.58 -25.01
CA LYS A 140 -19.04 -3.49 -25.92
C LYS A 140 -18.40 -4.88 -25.90
N CYS A 141 -19.22 -5.92 -26.05
CA CYS A 141 -18.72 -7.27 -26.23
C CYS A 141 -18.21 -7.43 -27.65
N LEU A 142 -16.94 -7.80 -27.77
CA LEU A 142 -16.32 -8.02 -29.07
C LEU A 142 -16.56 -9.42 -29.59
N LYS A 143 -16.39 -10.41 -28.71
CA LYS A 143 -16.52 -11.82 -29.08
C LYS A 143 -17.20 -12.62 -27.97
N THR A 144 -18.04 -13.56 -28.35
CA THR A 144 -18.59 -14.56 -27.42
C THR A 144 -18.12 -15.94 -27.89
N LEU A 145 -17.40 -16.63 -27.01
CA LEU A 145 -16.81 -17.93 -27.36
C LEU A 145 -17.63 -19.03 -26.73
N PRO A 146 -18.10 -20.00 -27.54
CA PRO A 146 -18.84 -21.14 -27.03
C PRO A 146 -17.84 -22.13 -26.44
N ALA A 147 -17.26 -21.73 -25.30
CA ALA A 147 -15.98 -22.22 -24.86
C ALA A 147 -16.01 -23.60 -24.20
N HIS A 148 -17.07 -23.88 -23.45
CA HIS A 148 -17.15 -25.05 -22.60
C HIS A 148 -18.58 -25.59 -22.54
N SER A 149 -18.74 -26.75 -21.90
CA SER A 149 -20.06 -27.40 -21.79
C SER A 149 -20.53 -27.44 -20.36
N ASP A 150 -19.91 -26.59 -19.53
CA ASP A 150 -20.29 -26.40 -18.13
C ASP A 150 -19.70 -25.06 -17.67
N PRO A 151 -20.03 -24.62 -16.45
CA PRO A 151 -19.53 -23.32 -16.01
C PRO A 151 -18.02 -23.14 -16.19
N VAL A 152 -17.67 -21.92 -16.61
CA VAL A 152 -16.25 -21.50 -16.79
C VAL A 152 -15.70 -20.97 -15.46
N SER A 153 -14.72 -21.69 -14.92
CA SER A 153 -14.20 -21.40 -13.57
C SER A 153 -13.10 -20.36 -13.53
N ALA A 154 -12.36 -20.19 -14.63
CA ALA A 154 -11.28 -19.23 -14.68
C ALA A 154 -11.00 -18.80 -16.09
N VAL A 155 -10.49 -17.58 -16.23
CA VAL A 155 -9.99 -17.03 -17.49
C VAL A 155 -8.78 -16.14 -17.19
N HIS A 156 -7.77 -16.18 -18.06
CA HIS A 156 -6.51 -15.47 -17.80
C HIS A 156 -5.81 -15.19 -19.11
N PHE A 157 -5.29 -13.97 -19.27
CA PHE A 157 -4.45 -13.62 -20.43
C PHE A 157 -2.98 -13.98 -20.14
N ASN A 158 -2.26 -14.38 -21.18
CA ASN A 158 -0.83 -14.61 -21.05
C ASN A 158 -0.06 -13.27 -21.04
N ARG A 159 1.26 -13.38 -20.98
CA ARG A 159 2.15 -12.23 -20.74
C ARG A 159 1.99 -11.05 -21.71
N ASP A 160 1.63 -11.34 -22.96
CA ASP A 160 1.39 -10.28 -23.94
C ASP A 160 -0.05 -10.19 -24.44
N GLY A 161 -0.96 -10.88 -23.78
CA GLY A 161 -2.37 -10.81 -24.13
C GLY A 161 -2.78 -11.50 -25.40
N SER A 162 -1.86 -12.22 -26.06
CA SER A 162 -2.17 -12.87 -27.33
C SER A 162 -2.99 -14.14 -27.14
N LEU A 163 -2.94 -14.71 -25.93
CA LEU A 163 -3.66 -15.96 -25.60
C LEU A 163 -4.48 -15.78 -24.34
N ILE A 164 -5.58 -16.52 -24.29
CA ILE A 164 -6.42 -16.68 -23.10
C ILE A 164 -6.41 -18.16 -22.75
N VAL A 165 -6.34 -18.46 -21.46
CA VAL A 165 -6.59 -19.82 -20.99
C VAL A 165 -7.88 -19.81 -20.19
N SER A 166 -8.70 -20.82 -20.42
CA SER A 166 -9.96 -21.01 -19.69
C SER A 166 -10.03 -22.41 -19.09
N SER A 167 -10.77 -22.55 -18.00
CA SER A 167 -11.00 -23.84 -17.35
C SER A 167 -12.47 -24.00 -17.07
N SER A 168 -12.92 -25.24 -16.94
CA SER A 168 -14.32 -25.48 -16.71
C SER A 168 -14.56 -26.73 -15.87
N TYR A 169 -15.71 -26.75 -15.20
CA TYR A 169 -16.26 -27.98 -14.62
C TYR A 169 -16.40 -29.13 -15.61
N ASP A 170 -16.38 -28.84 -16.92
CA ASP A 170 -16.49 -29.89 -17.92
C ASP A 170 -15.23 -30.76 -17.99
N GLY A 171 -14.18 -30.36 -17.28
CA GLY A 171 -12.96 -31.16 -17.18
C GLY A 171 -11.88 -30.72 -18.13
N LEU A 172 -12.14 -29.66 -18.89
CA LEU A 172 -11.20 -29.19 -19.89
C LEU A 172 -10.51 -27.90 -19.48
N CYS A 173 -9.30 -27.75 -20.00
CA CYS A 173 -8.61 -26.49 -20.03
C CYS A 173 -8.41 -26.20 -21.51
N ARG A 174 -8.65 -24.96 -21.92
CA ARG A 174 -8.50 -24.56 -23.32
C ARG A 174 -7.69 -23.30 -23.46
N ILE A 175 -6.89 -23.25 -24.52
CA ILE A 175 -6.07 -22.09 -24.89
C ILE A 175 -6.68 -21.47 -26.12
N TRP A 176 -6.89 -20.15 -26.07
CA TRP A 176 -7.56 -19.41 -27.14
C TRP A 176 -6.68 -18.32 -27.68
N ASP A 177 -6.76 -18.10 -28.99
CA ASP A 177 -6.15 -16.93 -29.60
C ASP A 177 -7.07 -15.72 -29.38
N THR A 178 -6.55 -14.70 -28.70
CA THR A 178 -7.35 -13.53 -28.33
C THR A 178 -7.96 -12.83 -29.55
N ALA A 179 -7.13 -12.60 -30.57
CA ALA A 179 -7.52 -11.79 -31.72
C ALA A 179 -8.63 -12.40 -32.56
N SER A 180 -8.58 -13.71 -32.73
CA SER A 180 -9.54 -14.47 -33.56
C SER A 180 -10.62 -15.22 -32.78
N GLY A 181 -10.40 -15.40 -31.48
CA GLY A 181 -11.34 -16.17 -30.65
C GLY A 181 -11.28 -17.68 -30.88
N GLN A 182 -10.26 -18.15 -31.59
CA GLN A 182 -10.16 -19.57 -31.96
C GLN A 182 -9.47 -20.40 -30.89
N CYS A 183 -9.97 -21.62 -30.69
CA CYS A 183 -9.38 -22.56 -29.74
C CYS A 183 -8.15 -23.18 -30.36
N LEU A 184 -7.00 -22.97 -29.73
CA LEU A 184 -5.74 -23.52 -30.25
C LEU A 184 -5.36 -24.87 -29.64
N LYS A 185 -5.79 -25.12 -28.41
CA LYS A 185 -5.40 -26.33 -27.70
C LYS A 185 -6.43 -26.66 -26.64
N THR A 186 -6.75 -27.95 -26.53
CA THR A 186 -7.54 -28.48 -25.44
C THR A 186 -6.68 -29.45 -24.65
N LEU A 187 -6.56 -29.21 -23.34
CA LEU A 187 -5.91 -30.19 -22.47
C LEU A 187 -6.94 -31.06 -21.78
N ILE A 188 -6.68 -32.37 -21.81
CA ILE A 188 -7.62 -33.35 -21.26
C ILE A 188 -6.96 -34.26 -20.22
N ASP A 189 -7.82 -34.91 -19.44
CA ASP A 189 -7.42 -35.90 -18.44
C ASP A 189 -8.39 -37.07 -18.55
N ASP A 190 -7.87 -38.29 -18.65
CA ASP A 190 -8.70 -39.50 -18.83
C ASP A 190 -9.76 -39.69 -17.75
N ASP A 191 -9.45 -39.31 -16.51
CA ASP A 191 -10.40 -39.43 -15.40
C ASP A 191 -11.28 -38.18 -15.24
N ASN A 192 -10.95 -37.14 -15.98
CA ASN A 192 -11.84 -35.98 -16.22
C ASN A 192 -12.41 -35.24 -14.99
N PRO A 193 -11.56 -34.92 -13.99
CA PRO A 193 -12.09 -34.17 -12.86
C PRO A 193 -12.45 -32.72 -13.28
N PRO A 194 -13.41 -32.10 -12.58
CA PRO A 194 -13.70 -30.68 -12.86
C PRO A 194 -12.44 -29.84 -12.70
N VAL A 195 -12.20 -28.90 -13.61
CA VAL A 195 -11.08 -27.99 -13.49
C VAL A 195 -11.61 -26.71 -12.85
N SER A 196 -11.07 -26.38 -11.69
CA SER A 196 -11.61 -25.33 -10.83
C SER A 196 -10.85 -24.01 -10.89
N PHE A 197 -9.66 -24.03 -11.49
CA PHE A 197 -8.87 -22.84 -11.65
C PHE A 197 -7.76 -23.09 -12.68
N VAL A 198 -7.39 -22.03 -13.39
CA VAL A 198 -6.22 -22.08 -14.27
C VAL A 198 -5.62 -20.67 -14.41
N LYS A 199 -4.32 -20.61 -14.64
CA LYS A 199 -3.66 -19.37 -15.04
C LYS A 199 -2.35 -19.70 -15.75
N PHE A 200 -1.87 -18.78 -16.58
CA PHE A 200 -0.54 -18.88 -17.16
C PHE A 200 0.56 -18.60 -16.14
N SER A 201 1.70 -19.26 -16.33
CA SER A 201 2.89 -18.91 -15.58
C SER A 201 3.35 -17.51 -15.98
N PRO A 202 4.13 -16.84 -15.12
CA PRO A 202 4.60 -15.48 -15.44
C PRO A 202 5.28 -15.36 -16.81
N ASN A 203 6.04 -16.36 -17.24
CA ASN A 203 6.68 -16.34 -18.56
C ASN A 203 5.77 -16.72 -19.75
N GLY A 204 4.56 -17.18 -19.44
CA GLY A 204 3.57 -17.53 -20.46
C GLY A 204 3.77 -18.89 -21.12
N LYS A 205 4.77 -19.64 -20.68
CA LYS A 205 5.12 -20.93 -21.29
C LYS A 205 4.28 -22.09 -20.73
N TYR A 206 3.78 -21.92 -19.51
CA TYR A 206 3.07 -23.01 -18.85
C TYR A 206 1.73 -22.52 -18.37
N ILE A 207 0.84 -23.46 -18.03
CA ILE A 207 -0.37 -23.11 -17.27
C ILE A 207 -0.38 -23.95 -16.00
N LEU A 208 -0.97 -23.37 -14.95
CA LEU A 208 -1.16 -24.05 -13.69
C LEU A 208 -2.66 -24.26 -13.53
N ALA A 209 -3.09 -25.52 -13.46
CA ALA A 209 -4.52 -25.87 -13.37
C ALA A 209 -4.86 -26.63 -12.10
N ALA A 210 -5.95 -26.21 -11.43
CA ALA A 210 -6.42 -26.95 -10.27
C ALA A 210 -7.59 -27.82 -10.67
N THR A 211 -7.64 -29.02 -10.12
CA THR A 211 -8.77 -29.92 -10.32
C THR A 211 -9.32 -30.32 -8.97
N LEU A 212 -10.61 -30.67 -8.95
CA LEU A 212 -11.30 -30.97 -7.70
C LEU A 212 -11.04 -32.39 -7.21
N ASP A 213 -9.78 -32.82 -7.35
CA ASP A 213 -9.29 -34.06 -6.80
C ASP A 213 -8.01 -33.80 -5.98
N ASN A 214 -7.96 -32.63 -5.34
CA ASN A 214 -6.86 -32.26 -4.44
C ASN A 214 -5.52 -32.20 -5.16
N THR A 215 -5.55 -31.70 -6.39
CA THR A 215 -4.32 -31.68 -7.21
C THR A 215 -4.18 -30.39 -8.02
N LEU A 216 -2.97 -29.83 -8.04
CA LEU A 216 -2.59 -28.71 -8.91
C LEU A 216 -1.62 -29.28 -9.92
N LYS A 217 -1.70 -28.87 -11.19
CA LYS A 217 -0.78 -29.41 -12.20
C LYS A 217 -0.21 -28.31 -13.08
N LEU A 218 1.10 -28.38 -13.29
CA LEU A 218 1.80 -27.45 -14.18
C LEU A 218 1.95 -28.12 -15.54
N TRP A 219 1.38 -27.51 -16.57
CA TRP A 219 1.42 -28.06 -17.93
C TRP A 219 2.23 -27.21 -18.89
N ASP A 220 3.03 -27.86 -19.73
CA ASP A 220 3.50 -27.22 -20.96
C ASP A 220 2.40 -27.43 -22.00
N TYR A 221 1.55 -26.42 -22.19
CA TYR A 221 0.35 -26.60 -23.03
C TYR A 221 0.68 -26.85 -24.50
N SER A 222 1.77 -26.27 -24.97
CA SER A 222 2.22 -26.48 -26.35
C SER A 222 2.51 -27.94 -26.66
N LYS A 223 3.18 -28.61 -25.72
CA LYS A 223 3.57 -30.01 -25.86
C LYS A 223 2.48 -30.96 -25.36
N GLY A 224 1.48 -30.40 -24.67
CA GLY A 224 0.44 -31.22 -24.03
C GLY A 224 1.02 -32.12 -22.95
N LYS A 225 2.02 -31.60 -22.24
CA LYS A 225 2.80 -32.39 -21.28
C LYS A 225 2.67 -31.82 -19.86
N CYS A 226 2.27 -32.67 -18.92
CA CYS A 226 2.24 -32.28 -17.51
C CYS A 226 3.63 -32.42 -16.90
N LEU A 227 4.15 -31.32 -16.36
CA LEU A 227 5.52 -31.28 -15.86
C LEU A 227 5.64 -31.44 -14.36
N LYS A 228 4.66 -30.96 -13.61
CA LYS A 228 4.69 -31.03 -12.15
C LYS A 228 3.27 -31.21 -11.63
N THR A 229 3.14 -31.89 -10.49
CA THR A 229 1.86 -31.96 -9.78
C THR A 229 2.14 -31.59 -8.33
N TYR A 230 1.26 -30.77 -7.74
CA TYR A 230 1.38 -30.35 -6.36
C TYR A 230 0.18 -30.91 -5.63
N THR A 231 0.44 -31.60 -4.54
CA THR A 231 -0.59 -32.34 -3.81
C THR A 231 -0.43 -32.15 -2.30
N GLY A 232 -1.38 -32.68 -1.55
CA GLY A 232 -1.31 -32.67 -0.10
C GLY A 232 -2.25 -31.68 0.56
N HIS A 233 -2.85 -30.79 -0.23
CA HIS A 233 -3.85 -29.83 0.24
C HIS A 233 -5.25 -30.40 -0.01
N LYS A 234 -6.28 -29.68 0.44
CA LYS A 234 -7.65 -30.13 0.24
C LYS A 234 -8.35 -29.21 -0.77
N ASN A 235 -8.78 -29.77 -1.90
CA ASN A 235 -9.56 -29.01 -2.87
C ASN A 235 -10.43 -29.96 -3.67
N GLU A 236 -11.67 -30.13 -3.20
CA GLU A 236 -12.64 -31.05 -3.79
C GLU A 236 -13.98 -30.35 -4.09
N LYS A 237 -14.14 -29.11 -3.61
CA LYS A 237 -15.44 -28.46 -3.64
C LYS A 237 -15.49 -27.06 -4.28
N TYR A 238 -14.46 -26.25 -4.02
CA TYR A 238 -14.46 -24.84 -4.41
C TYR A 238 -13.45 -24.46 -5.48
N CYS A 239 -13.77 -23.37 -6.18
CA CYS A 239 -12.85 -22.78 -7.16
C CYS A 239 -11.88 -21.87 -6.42
N ILE A 240 -10.79 -22.49 -5.98
CA ILE A 240 -9.74 -21.82 -5.20
C ILE A 240 -8.63 -21.31 -6.12
N PHE A 241 -8.24 -20.05 -5.93
CA PHE A 241 -7.17 -19.45 -6.71
C PHE A 241 -5.83 -20.08 -6.34
N ALA A 242 -4.92 -20.10 -7.30
CA ALA A 242 -3.53 -20.47 -7.04
C ALA A 242 -2.62 -19.45 -7.74
N ASN A 243 -1.35 -19.44 -7.32
CA ASN A 243 -0.43 -18.41 -7.75
C ASN A 243 0.99 -18.93 -7.89
N PHE A 244 1.75 -18.26 -8.74
CA PHE A 244 3.20 -18.39 -8.75
C PHE A 244 3.77 -17.25 -7.94
N SER A 245 4.58 -17.57 -6.94
CA SER A 245 5.29 -16.56 -6.18
C SER A 245 6.69 -16.44 -6.76
N VAL A 246 7.09 -15.22 -7.17
CA VAL A 246 8.36 -15.02 -7.91
C VAL A 246 9.27 -13.93 -7.33
N THR A 247 8.86 -13.30 -6.25
CA THR A 247 9.62 -12.18 -5.70
C THR A 247 10.86 -12.64 -4.92
N GLY A 248 10.78 -13.83 -4.32
CA GLY A 248 11.92 -14.43 -3.63
C GLY A 248 12.16 -15.81 -4.18
N GLY A 249 12.04 -16.82 -3.33
CA GLY A 249 12.03 -18.21 -3.80
C GLY A 249 10.90 -18.46 -4.77
N LYS A 250 11.06 -19.47 -5.62
CA LYS A 250 10.02 -19.79 -6.59
C LYS A 250 9.05 -20.81 -6.01
N TRP A 251 7.85 -20.33 -5.67
CA TRP A 251 6.84 -21.14 -5.02
C TRP A 251 5.56 -21.21 -5.83
N ILE A 252 4.76 -22.22 -5.51
CA ILE A 252 3.35 -22.25 -5.88
C ILE A 252 2.58 -22.01 -4.58
N VAL A 253 1.54 -21.18 -4.64
CA VAL A 253 0.74 -20.82 -3.46
C VAL A 253 -0.73 -21.10 -3.76
N SER A 254 -1.43 -21.72 -2.81
CA SER A 254 -2.86 -21.95 -2.97
C SER A 254 -3.58 -21.98 -1.65
N GLY A 255 -4.86 -21.63 -1.68
CA GLY A 255 -5.69 -21.88 -0.53
C GLY A 255 -6.09 -23.34 -0.47
N SER A 256 -6.86 -23.67 0.55
CA SER A 256 -7.24 -25.04 0.81
C SER A 256 -8.51 -25.13 1.66
N GLU A 257 -9.19 -26.25 1.54
CA GLU A 257 -10.45 -26.49 2.26
C GLU A 257 -10.24 -26.95 3.69
N ASP A 258 -8.97 -27.05 4.10
CA ASP A 258 -8.66 -27.31 5.52
C ASP A 258 -8.22 -26.03 6.24
N ASN A 259 -8.54 -24.88 5.63
CA ASN A 259 -8.37 -23.55 6.24
C ASN A 259 -6.93 -23.04 6.26
N LEU A 260 -6.06 -23.70 5.51
CA LEU A 260 -4.65 -23.34 5.42
C LEU A 260 -4.28 -22.73 4.08
N VAL A 261 -3.23 -21.92 4.07
CA VAL A 261 -2.56 -21.57 2.82
C VAL A 261 -1.38 -22.53 2.63
N TYR A 262 -1.32 -23.20 1.47
CA TYR A 262 -0.19 -24.10 1.16
C TYR A 262 0.82 -23.42 0.26
N ILE A 263 2.10 -23.63 0.54
CA ILE A 263 3.18 -23.12 -0.30
C ILE A 263 4.10 -24.29 -0.66
N TRP A 264 4.33 -24.49 -1.96
CA TRP A 264 5.13 -25.59 -2.46
C TRP A 264 6.37 -25.07 -3.15
N ASN A 265 7.45 -25.83 -3.10
CA ASN A 265 8.59 -25.55 -3.95
C ASN A 265 8.22 -25.87 -5.40
N LEU A 266 8.37 -24.89 -6.28
CA LEU A 266 7.97 -25.01 -7.68
C LEU A 266 8.61 -26.24 -8.35
N GLN A 267 9.91 -26.41 -8.12
CA GLN A 267 10.66 -27.47 -8.80
C GLN A 267 10.55 -28.83 -8.12
N THR A 268 10.70 -28.86 -6.81
CA THR A 268 10.71 -30.15 -6.11
C THR A 268 9.31 -30.67 -5.75
N LYS A 269 8.33 -29.76 -5.80
CA LYS A 269 6.93 -30.09 -5.47
C LYS A 269 6.70 -30.36 -3.98
N GLU A 270 7.72 -30.15 -3.16
CA GLU A 270 7.62 -30.30 -1.71
C GLU A 270 6.81 -29.15 -1.09
N ILE A 271 5.91 -29.47 -0.16
CA ILE A 271 5.29 -28.42 0.65
C ILE A 271 6.37 -27.80 1.54
N VAL A 272 6.54 -26.48 1.44
CA VAL A 272 7.58 -25.79 2.20
C VAL A 272 7.04 -24.93 3.35
N GLN A 273 5.75 -24.60 3.32
CA GLN A 273 5.08 -23.92 4.43
C GLN A 273 3.58 -24.07 4.34
N LYS A 274 2.93 -24.15 5.50
CA LYS A 274 1.47 -24.11 5.60
C LYS A 274 1.13 -22.96 6.55
N LEU A 275 0.30 -22.04 6.09
CA LEU A 275 -0.01 -20.85 6.91
C LEU A 275 -1.32 -21.03 7.67
N GLN A 276 -1.23 -20.99 8.99
CA GLN A 276 -2.37 -21.26 9.85
C GLN A 276 -2.92 -19.97 10.45
N GLY A 277 -4.24 -19.85 10.48
CA GLY A 277 -4.87 -18.68 11.07
C GLY A 277 -6.32 -18.50 10.66
N HIS A 278 -6.64 -18.78 9.41
CA HIS A 278 -8.03 -18.69 8.97
C HIS A 278 -8.90 -19.73 9.65
N THR A 279 -10.21 -19.46 9.69
CA THR A 279 -11.14 -20.36 10.36
C THR A 279 -12.23 -20.84 9.40
N ASP A 280 -11.99 -20.67 8.10
CA ASP A 280 -12.86 -21.29 7.10
C ASP A 280 -12.00 -21.53 5.85
N VAL A 281 -12.62 -22.14 4.84
CA VAL A 281 -11.94 -22.39 3.57
C VAL A 281 -11.21 -21.15 3.06
N VAL A 282 -9.94 -21.32 2.67
CA VAL A 282 -9.18 -20.23 2.06
C VAL A 282 -9.42 -20.30 0.55
N ILE A 283 -10.34 -19.46 0.08
CA ILE A 283 -10.80 -19.46 -1.29
C ILE A 283 -9.89 -18.71 -2.24
N SER A 284 -9.12 -17.76 -1.72
CA SER A 284 -8.32 -16.92 -2.59
C SER A 284 -7.01 -16.54 -1.93
N THR A 285 -5.96 -16.53 -2.75
CA THR A 285 -4.65 -16.04 -2.32
C THR A 285 -4.11 -15.21 -3.47
N ALA A 286 -3.21 -14.30 -3.12
CA ALA A 286 -2.56 -13.43 -4.09
C ALA A 286 -1.14 -13.13 -3.60
N CYS A 287 -0.23 -12.95 -4.55
CA CYS A 287 1.18 -12.68 -4.26
C CYS A 287 1.49 -11.27 -4.70
N HIS A 288 2.11 -10.51 -3.80
CA HIS A 288 2.49 -9.13 -4.08
C HIS A 288 3.47 -9.04 -5.26
N PRO A 289 3.34 -8.00 -6.10
CA PRO A 289 4.21 -7.94 -7.30
C PRO A 289 5.70 -7.69 -7.06
N THR A 290 6.08 -7.08 -5.94
CA THR A 290 7.50 -6.79 -5.70
C THR A 290 8.04 -7.30 -4.36
N GLU A 291 7.17 -7.38 -3.37
CA GLU A 291 7.56 -7.86 -2.04
C GLU A 291 7.09 -9.30 -1.78
N ASN A 292 7.75 -9.97 -0.83
CA ASN A 292 7.36 -11.31 -0.38
C ASN A 292 6.16 -11.20 0.58
N ILE A 293 5.01 -10.88 0.00
CA ILE A 293 3.79 -10.70 0.77
C ILE A 293 2.70 -11.51 0.10
N ILE A 294 1.92 -12.22 0.92
CA ILE A 294 0.76 -12.98 0.44
C ILE A 294 -0.49 -12.40 1.09
N ALA A 295 -1.57 -12.31 0.32
CA ALA A 295 -2.90 -12.04 0.85
C ALA A 295 -3.72 -13.30 0.71
N SER A 296 -4.49 -13.63 1.75
CA SER A 296 -5.37 -14.79 1.73
C SER A 296 -6.75 -14.36 2.20
N ALA A 297 -7.79 -15.03 1.73
CA ALA A 297 -9.17 -14.66 2.09
C ALA A 297 -10.01 -15.91 2.28
N ALA A 298 -10.97 -15.84 3.20
CA ALA A 298 -11.72 -17.01 3.60
C ALA A 298 -13.23 -16.85 3.55
N LEU A 299 -13.92 -17.99 3.70
CA LEU A 299 -15.37 -18.04 3.58
C LEU A 299 -16.06 -17.58 4.86
N GLU A 300 -17.37 -17.77 4.94
CA GLU A 300 -18.17 -16.96 5.88
C GLU A 300 -18.04 -17.24 7.38
N ASN A 301 -17.44 -18.35 7.80
CA ASN A 301 -17.14 -18.48 9.24
C ASN A 301 -16.01 -17.53 9.67
N ASP A 302 -15.32 -16.97 8.68
CA ASP A 302 -14.09 -16.19 8.87
C ASP A 302 -14.31 -14.76 8.33
N LYS A 303 -14.54 -14.64 7.02
CA LYS A 303 -14.87 -13.36 6.37
C LYS A 303 -13.73 -12.35 6.38
N THR A 304 -12.51 -12.80 6.70
CA THR A 304 -11.38 -11.90 6.76
C THR A 304 -10.37 -12.17 5.67
N ILE A 305 -9.53 -11.17 5.46
CA ILE A 305 -8.37 -11.25 4.60
C ILE A 305 -7.18 -11.15 5.53
N LYS A 306 -6.16 -11.96 5.27
CA LYS A 306 -4.94 -11.89 6.06
C LYS A 306 -3.75 -11.56 5.18
N LEU A 307 -2.87 -10.71 5.70
CA LEU A 307 -1.61 -10.36 5.01
C LEU A 307 -0.44 -10.97 5.73
N TRP A 308 0.42 -11.61 4.96
CA TRP A 308 1.55 -12.36 5.49
C TRP A 308 2.83 -11.89 4.81
N LYS A 309 3.94 -11.87 5.56
CA LYS A 309 5.21 -11.40 5.04
C LYS A 309 6.35 -12.37 5.32
N SER A 310 7.20 -12.59 4.32
CA SER A 310 8.37 -13.47 4.45
C SER A 310 9.64 -12.73 4.10
N ASP A 311 10.75 -13.25 4.61
CA ASP A 311 12.08 -12.74 4.29
C ASP A 311 12.61 -13.27 2.96
N CYS A 312 12.04 -14.37 2.48
CA CYS A 312 12.48 -14.96 1.22
C CYS A 312 11.31 -15.56 0.43
N PRO B 8 -17.78 19.52 5.38
CA PRO B 8 -17.74 20.51 6.46
C PRO B 8 -16.97 21.76 6.05
N VAL B 9 -17.44 22.93 6.52
CA VAL B 9 -16.77 24.19 6.24
C VAL B 9 -15.55 24.39 7.15
N LYS B 10 -15.66 23.97 8.40
CA LYS B 10 -14.58 24.15 9.39
C LYS B 10 -14.56 22.98 10.35
N PRO B 11 -13.34 22.57 10.78
CA PRO B 11 -13.26 21.58 11.84
C PRO B 11 -13.47 22.25 13.20
N ASN B 12 -13.56 21.46 14.25
CA ASN B 12 -13.71 22.00 15.60
C ASN B 12 -12.74 21.37 16.60
N TYR B 13 -11.48 21.26 16.18
CA TYR B 13 -10.44 20.70 17.02
C TYR B 13 -10.43 21.34 18.40
N ALA B 14 -10.49 20.50 19.42
CA ALA B 14 -10.49 20.94 20.80
C ALA B 14 -9.43 20.18 21.57
N LEU B 15 -8.79 20.84 22.53
CA LEU B 15 -7.71 20.22 23.29
C LEU B 15 -8.24 19.10 24.20
N LYS B 16 -7.65 17.92 24.08
CA LYS B 16 -8.04 16.76 24.91
C LYS B 16 -6.99 16.36 25.93
N PHE B 17 -5.72 16.39 25.55
CA PHE B 17 -4.63 15.97 26.45
C PHE B 17 -3.37 16.79 26.21
N THR B 18 -2.64 17.05 27.28
CA THR B 18 -1.30 17.62 27.19
C THR B 18 -0.31 16.60 27.76
N LEU B 19 0.73 16.33 26.98
CA LEU B 19 1.70 15.28 27.24
C LEU B 19 3.04 15.91 27.57
N ALA B 20 3.39 15.87 28.85
CA ALA B 20 4.64 16.40 29.32
C ALA B 20 5.57 15.26 29.70
N GLY B 21 6.87 15.50 29.62
CA GLY B 21 7.88 14.50 29.97
C GLY B 21 9.25 14.76 29.37
N HIS B 22 9.30 15.32 28.16
CA HIS B 22 10.58 15.71 27.59
C HIS B 22 11.21 16.85 28.40
N THR B 23 12.53 16.88 28.43
CA THR B 23 13.26 17.84 29.27
C THR B 23 13.97 18.94 28.47
N LYS B 24 13.85 18.85 27.15
CA LYS B 24 14.24 19.93 26.25
C LYS B 24 13.16 20.02 25.19
N ALA B 25 13.31 21.00 24.29
CA ALA B 25 12.38 21.16 23.16
C ALA B 25 12.04 19.83 22.49
N VAL B 26 10.76 19.65 22.15
CA VAL B 26 10.32 18.51 21.33
C VAL B 26 10.69 18.87 19.88
N SER B 27 11.08 17.87 19.07
CA SER B 27 11.45 18.14 17.67
C SER B 27 10.46 17.57 16.65
N SER B 28 9.82 16.43 16.94
CA SER B 28 8.96 15.75 15.96
C SER B 28 7.98 14.86 16.68
N VAL B 29 6.76 14.81 16.19
CA VAL B 29 5.75 13.82 16.65
C VAL B 29 5.19 13.08 15.44
N LYS B 30 4.94 11.78 15.56
CA LYS B 30 4.40 10.98 14.45
C LYS B 30 3.48 9.91 15.01
N PHE B 31 2.30 9.77 14.43
CA PHE B 31 1.39 8.66 14.79
C PHE B 31 1.83 7.36 14.11
N SER B 32 1.73 6.25 14.83
CA SER B 32 2.00 4.95 14.21
C SER B 32 0.94 4.69 13.13
N PRO B 33 1.34 4.00 12.04
CA PRO B 33 0.40 3.63 10.98
C PRO B 33 -0.84 2.87 11.45
N ASN B 34 -0.72 2.13 12.54
CA ASN B 34 -1.86 1.38 13.08
C ASN B 34 -2.75 2.23 13.99
N GLY B 35 -2.37 3.50 14.18
CA GLY B 35 -3.16 4.45 14.95
C GLY B 35 -3.11 4.34 16.46
N GLU B 36 -2.37 3.40 17.00
CA GLU B 36 -2.38 3.13 18.45
C GLU B 36 -1.46 4.03 19.25
N TRP B 37 -0.41 4.53 18.59
CA TRP B 37 0.68 5.20 19.30
C TRP B 37 1.09 6.51 18.68
N LEU B 38 1.67 7.36 19.52
CA LEU B 38 2.36 8.56 19.05
C LEU B 38 3.80 8.43 19.52
N ALA B 39 4.75 8.68 18.63
CA ALA B 39 6.15 8.75 19.00
C ALA B 39 6.58 10.20 18.96
N SER B 40 7.38 10.60 19.93
CA SER B 40 7.97 11.94 19.93
C SER B 40 9.47 11.84 20.07
N SER B 41 10.17 12.78 19.43
CA SER B 41 11.62 12.90 19.59
C SER B 41 11.94 14.25 20.18
N SER B 42 13.12 14.37 20.76
CA SER B 42 13.47 15.63 21.41
C SER B 42 14.96 15.93 21.41
N ALA B 43 15.28 17.20 21.57
CA ALA B 43 16.66 17.62 21.81
C ALA B 43 17.24 16.97 23.09
N ASP B 44 16.38 16.41 23.95
CA ASP B 44 16.84 15.70 25.15
C ASP B 44 17.40 14.28 24.91
N LYS B 45 17.55 13.90 23.64
CA LYS B 45 18.19 12.62 23.23
C LYS B 45 17.26 11.41 23.36
N LEU B 46 15.99 11.67 23.65
CA LEU B 46 15.03 10.60 23.88
C LEU B 46 13.90 10.55 22.86
N ILE B 47 13.39 9.35 22.68
CA ILE B 47 12.14 9.10 21.99
C ILE B 47 11.18 8.64 23.06
N LYS B 48 9.96 9.18 23.05
CA LYS B 48 8.91 8.70 23.94
C LYS B 48 7.74 8.20 23.13
N ILE B 49 7.08 7.18 23.66
CA ILE B 49 5.92 6.59 23.04
C ILE B 49 4.74 6.83 23.98
N TRP B 50 3.62 7.24 23.40
CA TRP B 50 2.40 7.63 24.13
C TRP B 50 1.22 6.98 23.45
N GLY B 51 0.17 6.70 24.21
CA GLY B 51 -1.08 6.22 23.61
C GLY B 51 -1.73 7.33 22.77
N ALA B 52 -2.12 7.00 21.54
CA ALA B 52 -2.69 7.99 20.63
C ALA B 52 -4.06 8.51 21.04
N TYR B 53 -4.83 7.69 21.77
CA TYR B 53 -6.21 8.05 22.11
C TYR B 53 -6.38 8.67 23.49
N ASP B 54 -5.55 8.26 24.44
CA ASP B 54 -5.64 8.79 25.80
C ASP B 54 -4.41 9.58 26.26
N GLY B 55 -3.37 9.63 25.42
CA GLY B 55 -2.15 10.38 25.71
C GLY B 55 -1.29 9.81 26.84
N LYS B 56 -1.58 8.59 27.28
CA LYS B 56 -0.82 8.01 28.39
C LYS B 56 0.58 7.61 27.97
N PHE B 57 1.55 8.00 28.78
CA PHE B 57 2.94 7.60 28.59
C PHE B 57 3.11 6.10 28.59
N GLU B 58 3.80 5.59 27.57
CA GLU B 58 4.04 4.17 27.41
C GLU B 58 5.49 3.78 27.76
N LYS B 59 6.46 4.40 27.09
CA LYS B 59 7.87 4.11 27.33
C LYS B 59 8.82 5.19 26.80
N THR B 60 10.02 5.21 27.35
CA THR B 60 11.14 6.01 26.85
C THR B 60 12.13 5.11 26.15
N ILE B 61 12.60 5.55 24.99
CA ILE B 61 13.59 4.84 24.20
C ILE B 61 14.85 5.71 24.14
N SER B 62 15.97 5.15 24.63
CA SER B 62 17.21 5.91 24.79
C SER B 62 18.40 5.21 24.14
N GLY B 63 19.44 5.98 23.84
CA GLY B 63 20.66 5.45 23.23
C GLY B 63 21.46 6.44 22.41
N HIS B 64 20.79 7.38 21.75
CA HIS B 64 21.50 8.44 21.03
C HIS B 64 22.34 9.27 21.99
N LYS B 65 23.47 9.77 21.49
CA LYS B 65 24.43 10.52 22.30
C LYS B 65 24.15 12.03 22.31
N LEU B 66 23.36 12.47 21.33
CA LEU B 66 22.98 13.88 21.19
C LEU B 66 21.53 13.96 20.78
N GLY B 67 21.01 15.18 20.64
CA GLY B 67 19.59 15.42 20.34
C GLY B 67 19.10 14.71 19.09
N ILE B 68 17.79 14.52 19.04
CA ILE B 68 17.12 13.87 17.92
C ILE B 68 16.24 14.89 17.21
N SER B 69 16.39 14.99 15.89
CA SER B 69 15.58 15.91 15.09
C SER B 69 14.35 15.32 14.44
N ASP B 70 14.29 14.00 14.31
CA ASP B 70 13.16 13.37 13.61
C ASP B 70 13.03 11.92 14.05
N VAL B 71 11.82 11.40 13.95
CA VAL B 71 11.52 9.98 14.18
C VAL B 71 10.48 9.54 13.16
N ALA B 72 10.51 8.26 12.78
CA ALA B 72 9.55 7.76 11.81
C ALA B 72 9.23 6.29 12.05
N TRP B 73 8.02 5.88 11.67
CA TRP B 73 7.51 4.52 11.89
C TRP B 73 7.60 3.66 10.63
N SER B 74 7.86 2.36 10.82
CA SER B 74 7.64 1.41 9.73
C SER B 74 6.15 1.16 9.53
N SER B 75 5.79 0.64 8.35
CA SER B 75 4.39 0.44 7.98
C SER B 75 3.63 -0.52 8.88
N ASP B 76 4.34 -1.52 9.44
CA ASP B 76 3.72 -2.46 10.40
C ASP B 76 3.72 -1.96 11.85
N SER B 77 4.18 -0.71 12.05
CA SER B 77 4.25 -0.08 13.39
C SER B 77 5.19 -0.77 14.36
N ASN B 78 6.07 -1.63 13.87
CA ASN B 78 6.93 -2.42 14.75
C ASN B 78 8.34 -1.84 14.93
N LEU B 79 8.74 -0.98 14.00
CA LEU B 79 10.05 -0.34 14.07
C LEU B 79 9.93 1.18 14.05
N LEU B 80 10.89 1.84 14.69
CA LEU B 80 11.09 3.28 14.57
C LEU B 80 12.48 3.56 14.04
N VAL B 81 12.65 4.65 13.30
CA VAL B 81 13.99 5.16 12.99
C VAL B 81 14.08 6.58 13.52
N SER B 82 15.26 6.93 14.01
CA SER B 82 15.51 8.25 14.59
C SER B 82 16.73 8.88 13.94
N ALA B 83 16.70 10.21 13.76
CA ALA B 83 17.79 10.97 13.13
C ALA B 83 18.40 11.88 14.17
N SER B 84 19.71 11.77 14.38
CA SER B 84 20.34 12.46 15.52
C SER B 84 21.49 13.39 15.14
N ASP B 85 21.70 14.38 16.00
CA ASP B 85 22.89 15.22 15.91
C ASP B 85 24.21 14.44 16.12
N ASP B 86 24.12 13.22 16.68
CA ASP B 86 25.29 12.36 16.82
C ASP B 86 25.77 11.78 15.50
N LYS B 87 25.15 12.21 14.39
CA LYS B 87 25.54 11.85 13.01
C LYS B 87 25.05 10.47 12.59
N THR B 88 24.26 9.82 13.45
CA THR B 88 23.73 8.50 13.13
C THR B 88 22.21 8.49 13.08
N LEU B 89 21.68 7.49 12.41
CA LEU B 89 20.31 7.07 12.68
C LEU B 89 20.33 5.77 13.47
N LYS B 90 19.26 5.52 14.22
CA LYS B 90 19.10 4.24 14.90
C LYS B 90 17.75 3.65 14.55
N ILE B 91 17.74 2.33 14.32
CA ILE B 91 16.50 1.58 14.11
C ILE B 91 16.17 0.86 15.40
N TRP B 92 14.93 1.05 15.87
CA TRP B 92 14.51 0.57 17.17
C TRP B 92 13.39 -0.44 17.04
N ASP B 93 13.41 -1.46 17.90
CA ASP B 93 12.28 -2.37 18.03
C ASP B 93 11.31 -1.72 19.02
N VAL B 94 10.12 -1.37 18.55
CA VAL B 94 9.13 -0.64 19.37
C VAL B 94 8.72 -1.41 20.63
N SER B 95 8.50 -2.71 20.47
CA SER B 95 8.06 -3.58 21.59
C SER B 95 9.09 -3.64 22.72
N SER B 96 10.37 -3.86 22.37
CA SER B 96 11.42 -4.04 23.37
C SER B 96 12.15 -2.76 23.76
N GLY B 97 12.08 -1.74 22.90
CA GLY B 97 12.84 -0.49 23.10
C GLY B 97 14.31 -0.60 22.72
N LYS B 98 14.71 -1.74 22.19
CA LYS B 98 16.12 -1.97 21.89
C LYS B 98 16.53 -1.42 20.54
N CYS B 99 17.76 -0.92 20.51
CA CYS B 99 18.42 -0.55 19.27
C CYS B 99 18.84 -1.80 18.49
N LEU B 100 18.23 -1.98 17.33
CA LEU B 100 18.55 -3.07 16.42
C LEU B 100 19.76 -2.77 15.54
N LYS B 101 19.85 -1.54 15.03
CA LYS B 101 20.96 -1.14 14.19
C LYS B 101 21.27 0.33 14.36
N THR B 102 22.53 0.69 14.15
CA THR B 102 22.93 2.09 14.09
C THR B 102 23.47 2.31 12.70
N LEU B 103 22.90 3.30 12.02
CA LEU B 103 23.23 3.62 10.63
C LEU B 103 24.25 4.75 10.62
N LYS B 104 25.46 4.42 10.19
CA LYS B 104 26.61 5.32 10.24
C LYS B 104 27.08 5.65 8.84
N GLY B 105 27.46 6.91 8.63
CA GLY B 105 27.98 7.34 7.33
C GLY B 105 27.84 8.84 7.09
N HIS B 106 26.79 9.46 7.59
CA HIS B 106 26.69 10.91 7.49
C HIS B 106 27.85 11.56 8.26
N SER B 107 28.29 12.71 7.77
CA SER B 107 29.43 13.40 8.37
C SER B 107 29.02 14.62 9.18
N ASN B 108 27.71 14.80 9.34
CA ASN B 108 27.20 15.93 10.14
C ASN B 108 25.79 15.54 10.61
N TYR B 109 25.15 16.41 11.39
CA TYR B 109 23.84 16.10 11.98
C TYR B 109 22.88 15.45 11.00
N VAL B 110 22.19 14.41 11.44
CA VAL B 110 21.12 13.84 10.64
C VAL B 110 19.82 14.55 11.05
N PHE B 111 19.12 15.09 10.07
CA PHE B 111 18.04 16.02 10.36
C PHE B 111 16.63 15.45 10.15
N CYS B 112 16.50 14.51 9.22
CA CYS B 112 15.21 14.02 8.79
C CYS B 112 15.33 12.56 8.32
N CYS B 113 14.23 11.82 8.43
CA CYS B 113 14.23 10.41 8.09
C CYS B 113 12.83 9.85 7.84
N ASN B 114 12.76 8.76 7.08
CA ASN B 114 11.49 8.09 6.82
C ASN B 114 11.74 6.71 6.28
N PHE B 115 10.80 5.79 6.54
CA PHE B 115 10.81 4.47 5.89
C PHE B 115 10.05 4.60 4.58
N ASN B 116 10.36 3.72 3.63
CA ASN B 116 9.46 3.55 2.49
C ASN B 116 8.24 2.73 2.92
N PRO B 117 7.14 2.76 2.13
CA PRO B 117 5.95 1.99 2.53
C PRO B 117 6.25 0.49 2.72
N GLN B 118 7.11 -0.05 1.86
CA GLN B 118 7.52 -1.45 1.98
C GLN B 118 8.34 -1.70 3.25
N SER B 119 8.93 -0.62 3.77
CA SER B 119 9.69 -0.61 5.03
C SER B 119 10.99 -1.45 4.99
N ASN B 120 11.49 -1.69 3.79
CA ASN B 120 12.81 -2.29 3.60
C ASN B 120 13.92 -1.24 3.42
N LEU B 121 13.53 0.02 3.22
CA LEU B 121 14.49 1.13 3.09
C LEU B 121 14.19 2.25 4.05
N ILE B 122 15.25 2.97 4.41
CA ILE B 122 15.13 4.22 5.14
C ILE B 122 15.83 5.29 4.30
N VAL B 123 15.22 6.48 4.22
CA VAL B 123 15.87 7.62 3.58
C VAL B 123 16.19 8.63 4.68
N SER B 124 17.33 9.29 4.57
CA SER B 124 17.74 10.28 5.55
C SER B 124 18.31 11.48 4.86
N GLY B 125 18.21 12.63 5.53
CA GLY B 125 18.83 13.86 5.05
C GLY B 125 19.67 14.48 6.16
N SER B 126 20.72 15.18 5.78
CA SER B 126 21.69 15.64 6.77
C SER B 126 22.20 17.05 6.49
N PHE B 127 22.76 17.66 7.54
CA PHE B 127 23.53 18.89 7.39
C PHE B 127 24.77 18.71 6.50
N ASP B 128 25.16 17.45 6.23
CA ASP B 128 26.27 17.19 5.30
C ASP B 128 25.86 17.35 3.84
N GLU B 129 24.59 17.72 3.61
CA GLU B 129 24.09 18.12 2.27
C GLU B 129 23.73 16.92 1.39
N SER B 130 23.77 15.74 1.98
CA SER B 130 23.46 14.49 1.26
C SER B 130 22.14 13.86 1.71
N VAL B 131 21.60 13.05 0.83
CA VAL B 131 20.48 12.17 1.12
C VAL B 131 21.05 10.77 1.03
N ARG B 132 20.82 9.95 2.06
CA ARG B 132 21.27 8.55 2.03
C ARG B 132 20.08 7.60 2.07
N ILE B 133 20.25 6.46 1.39
CA ILE B 133 19.24 5.40 1.35
C ILE B 133 19.89 4.16 1.96
N TRP B 134 19.20 3.59 2.94
CA TRP B 134 19.77 2.54 3.78
C TRP B 134 18.93 1.28 3.71
N ASP B 135 19.60 0.13 3.76
CA ASP B 135 18.91 -1.15 3.87
C ASP B 135 18.54 -1.43 5.33
N VAL B 136 17.25 -1.61 5.58
CA VAL B 136 16.74 -1.84 6.94
C VAL B 136 17.27 -3.16 7.51
N LYS B 137 17.26 -4.20 6.67
CA LYS B 137 17.65 -5.55 7.09
C LYS B 137 19.11 -5.61 7.55
N THR B 138 20.01 -4.98 6.80
CA THR B 138 21.44 -5.05 7.08
C THR B 138 22.00 -3.80 7.77
N GLY B 139 21.26 -2.69 7.68
CA GLY B 139 21.70 -1.41 8.23
C GLY B 139 22.79 -0.74 7.43
N LYS B 140 23.12 -1.28 6.26
CA LYS B 140 24.18 -0.69 5.46
C LYS B 140 23.63 0.39 4.53
N CYS B 141 24.47 1.36 4.20
CA CYS B 141 24.08 2.42 3.27
C CYS B 141 24.12 1.88 1.85
N LEU B 142 23.01 2.00 1.12
CA LEU B 142 22.97 1.53 -0.26
C LEU B 142 23.39 2.61 -1.23
N LYS B 143 23.04 3.85 -0.94
CA LYS B 143 23.29 4.97 -1.85
C LYS B 143 23.51 6.26 -1.07
N THR B 144 24.46 7.08 -1.52
CA THR B 144 24.62 8.43 -1.01
C THR B 144 24.43 9.37 -2.20
N LEU B 145 23.42 10.24 -2.10
CA LEU B 145 23.09 11.17 -3.16
C LEU B 145 23.66 12.54 -2.84
N PRO B 146 24.45 13.13 -3.77
CA PRO B 146 25.00 14.46 -3.56
C PRO B 146 23.90 15.47 -3.86
N ALA B 147 22.95 15.53 -2.95
CA ALA B 147 21.61 15.99 -3.28
C ALA B 147 21.45 17.50 -3.36
N HIS B 148 22.14 18.22 -2.49
CA HIS B 148 21.91 19.64 -2.28
C HIS B 148 23.23 20.32 -1.96
N SER B 149 23.19 21.64 -1.86
CA SER B 149 24.39 22.42 -1.59
C SER B 149 24.29 23.12 -0.24
N ASP B 150 23.35 22.66 0.58
CA ASP B 150 23.15 23.16 1.96
C ASP B 150 22.38 22.06 2.70
N PRO B 151 22.21 22.21 4.01
CA PRO B 151 21.50 21.21 4.78
C PRO B 151 20.16 20.75 4.17
N VAL B 152 19.95 19.44 4.25
CA VAL B 152 18.73 18.79 3.80
C VAL B 152 17.71 18.82 4.92
N SER B 153 16.60 19.52 4.69
CA SER B 153 15.57 19.73 5.73
C SER B 153 14.46 18.70 5.81
N ALA B 154 14.18 17.98 4.71
CA ALA B 154 13.15 16.94 4.72
C ALA B 154 13.41 15.90 3.64
N VAL B 155 12.90 14.69 3.86
CA VAL B 155 12.97 13.57 2.91
C VAL B 155 11.71 12.74 3.11
N HIS B 156 11.08 12.30 2.02
CA HIS B 156 9.80 11.61 2.12
C HIS B 156 9.60 10.73 0.91
N PHE B 157 9.11 9.51 1.12
CA PHE B 157 8.79 8.61 0.00
C PHE B 157 7.34 8.82 -0.44
N ASN B 158 7.06 8.57 -1.70
CA ASN B 158 5.66 8.57 -2.17
C ASN B 158 4.96 7.25 -1.82
N ARG B 159 3.67 7.15 -2.11
CA ARG B 159 2.89 6.03 -1.57
C ARG B 159 3.24 4.65 -2.16
N ASP B 160 3.83 4.61 -3.35
CA ASP B 160 4.35 3.33 -3.83
C ASP B 160 5.82 3.07 -3.57
N GLY B 161 6.52 4.09 -3.03
CA GLY B 161 7.92 3.96 -2.68
C GLY B 161 8.91 4.18 -3.81
N SER B 162 8.41 4.48 -5.00
CA SER B 162 9.26 4.62 -6.19
C SER B 162 9.99 5.95 -6.25
N LEU B 163 9.51 6.94 -5.49
CA LEU B 163 10.10 8.27 -5.51
C LEU B 163 10.37 8.78 -4.11
N ILE B 164 11.37 9.64 -4.04
CA ILE B 164 11.72 10.37 -2.82
C ILE B 164 11.65 11.84 -3.16
N VAL B 165 11.14 12.66 -2.25
CA VAL B 165 11.26 14.11 -2.39
C VAL B 165 12.15 14.64 -1.27
N SER B 166 13.05 15.56 -1.60
CA SER B 166 13.91 16.22 -0.63
C SER B 166 13.82 17.73 -0.75
N SER B 167 14.09 18.42 0.35
CA SER B 167 14.14 19.88 0.38
C SER B 167 15.40 20.31 1.07
N SER B 168 15.82 21.55 0.79
CA SER B 168 17.06 22.06 1.36
C SER B 168 17.03 23.54 1.62
N TYR B 169 17.85 23.98 2.57
CA TYR B 169 18.18 25.40 2.70
C TYR B 169 18.74 26.04 1.42
N ASP B 170 19.23 25.24 0.49
CA ASP B 170 19.76 25.76 -0.78
C ASP B 170 18.68 26.38 -1.68
N GLY B 171 17.41 26.17 -1.32
CA GLY B 171 16.28 26.75 -2.04
C GLY B 171 15.58 25.80 -3.00
N LEU B 172 16.06 24.56 -3.06
CA LEU B 172 15.55 23.57 -4.00
C LEU B 172 14.68 22.51 -3.36
N CYS B 173 13.76 22.00 -4.15
CA CYS B 173 13.06 20.76 -3.88
C CYS B 173 13.42 19.83 -5.03
N ARG B 174 13.79 18.60 -4.71
CA ARG B 174 14.14 17.61 -5.72
C ARG B 174 13.35 16.32 -5.58
N ILE B 175 13.02 15.72 -6.72
CA ILE B 175 12.33 14.43 -6.76
C ILE B 175 13.32 13.43 -7.30
N TRP B 176 13.47 12.30 -6.62
CA TRP B 176 14.48 11.27 -6.91
C TRP B 176 13.83 9.92 -7.19
N ASP B 177 14.40 9.14 -8.11
CA ASP B 177 13.98 7.78 -8.31
C ASP B 177 14.64 6.91 -7.25
N THR B 178 13.85 6.23 -6.43
CA THR B 178 14.41 5.42 -5.34
C THR B 178 15.43 4.38 -5.80
N ALA B 179 15.06 3.59 -6.81
CA ALA B 179 15.88 2.44 -7.20
C ALA B 179 17.22 2.83 -7.81
N SER B 180 17.26 3.95 -8.53
CA SER B 180 18.46 4.40 -9.22
C SER B 180 19.22 5.54 -8.54
N GLY B 181 18.53 6.23 -7.62
CA GLY B 181 19.08 7.41 -6.96
C GLY B 181 19.25 8.63 -7.86
N GLN B 182 18.58 8.62 -9.02
CA GLN B 182 18.72 9.72 -9.98
C GLN B 182 17.70 10.82 -9.74
N CYS B 183 18.12 12.07 -9.96
CA CYS B 183 17.25 13.24 -9.82
C CYS B 183 16.35 13.38 -11.03
N LEU B 184 15.06 13.23 -10.82
CA LEU B 184 14.09 13.32 -11.90
C LEU B 184 13.55 14.73 -12.14
N LYS B 185 13.52 15.57 -11.10
CA LYS B 185 12.93 16.91 -11.22
C LYS B 185 13.49 17.80 -10.13
N THR B 186 13.82 19.03 -10.49
CA THR B 186 14.15 20.08 -9.53
C THR B 186 13.10 21.20 -9.61
N LEU B 187 12.54 21.59 -8.46
CA LEU B 187 11.63 22.72 -8.37
C LEU B 187 12.35 23.95 -7.81
N ILE B 188 12.16 25.10 -8.46
CA ILE B 188 12.87 26.32 -8.11
C ILE B 188 11.94 27.52 -7.90
N ASP B 189 12.47 28.56 -7.26
CA ASP B 189 11.77 29.82 -7.02
C ASP B 189 12.76 30.95 -7.29
N ASP B 190 12.31 31.97 -8.02
CA ASP B 190 13.13 33.15 -8.37
C ASP B 190 13.84 33.79 -7.17
N ASP B 191 13.13 33.94 -6.05
CA ASP B 191 13.69 34.59 -4.87
C ASP B 191 14.42 33.60 -3.96
N ASN B 192 14.30 32.31 -4.28
CA ASN B 192 15.14 31.25 -3.67
C ASN B 192 15.16 31.21 -2.13
N PRO B 193 13.98 31.28 -1.49
CA PRO B 193 13.99 31.15 -0.03
C PRO B 193 14.41 29.73 0.39
N PRO B 194 15.01 29.56 1.58
CA PRO B 194 15.28 28.21 2.06
C PRO B 194 14.00 27.37 2.10
N VAL B 195 14.08 26.12 1.65
CA VAL B 195 12.92 25.21 1.73
C VAL B 195 13.10 24.44 3.03
N SER B 196 12.16 24.60 3.95
CA SER B 196 12.31 24.04 5.29
C SER B 196 11.56 22.74 5.53
N PHE B 197 10.69 22.35 4.61
CA PHE B 197 9.94 21.11 4.74
C PHE B 197 9.31 20.74 3.40
N VAL B 198 9.18 19.44 3.14
CA VAL B 198 8.43 18.96 1.99
C VAL B 198 7.91 17.55 2.27
N LYS B 199 6.77 17.22 1.65
CA LYS B 199 6.23 15.86 1.67
C LYS B 199 5.29 15.68 0.49
N PHE B 200 5.12 14.43 0.08
CA PHE B 200 4.12 14.09 -0.93
C PHE B 200 2.72 14.16 -0.35
N SER B 201 1.75 14.49 -1.21
CA SER B 201 0.34 14.37 -0.85
C SER B 201 -0.02 12.90 -0.74
N PRO B 202 -1.08 12.57 0.01
CA PRO B 202 -1.51 11.17 0.16
C PRO B 202 -1.67 10.42 -1.17
N ASN B 203 -2.20 11.08 -2.20
CA ASN B 203 -2.36 10.44 -3.51
C ASN B 203 -1.09 10.45 -4.37
N GLY B 204 -0.02 11.04 -3.83
CA GLY B 204 1.28 11.08 -4.49
C GLY B 204 1.44 11.96 -5.72
N LYS B 205 0.40 12.70 -6.08
CA LYS B 205 0.43 13.57 -7.26
C LYS B 205 1.04 14.96 -7.00
N TYR B 206 1.05 15.37 -5.73
CA TYR B 206 1.53 16.70 -5.37
C TYR B 206 2.61 16.62 -4.33
N ILE B 207 3.34 17.72 -4.18
CA ILE B 207 4.18 17.90 -2.99
C ILE B 207 3.76 19.19 -2.30
N LEU B 208 3.86 19.18 -0.98
CA LEU B 208 3.61 20.36 -0.17
C LEU B 208 4.95 20.79 0.39
N ALA B 209 5.35 22.03 0.09
CA ALA B 209 6.65 22.55 0.51
C ALA B 209 6.51 23.82 1.33
N ALA B 210 7.27 23.87 2.43
CA ALA B 210 7.33 25.08 3.26
C ALA B 210 8.62 25.79 2.95
N THR B 211 8.54 27.12 2.89
CA THR B 211 9.72 27.96 2.71
C THR B 211 9.78 28.95 3.85
N LEU B 212 10.97 29.44 4.17
CA LEU B 212 11.16 30.33 5.32
C LEU B 212 10.81 31.79 5.01
N ASP B 213 9.71 31.94 4.28
CA ASP B 213 9.09 33.22 4.00
C ASP B 213 7.60 33.14 4.31
N ASN B 214 7.27 32.38 5.36
CA ASN B 214 5.90 32.31 5.86
C ASN B 214 4.90 31.82 4.82
N THR B 215 5.33 30.86 3.99
CA THR B 215 4.50 30.33 2.90
C THR B 215 4.61 28.81 2.79
N LEU B 216 3.46 28.17 2.64
CA LEU B 216 3.36 26.78 2.20
C LEU B 216 2.86 26.77 0.77
N LYS B 217 3.40 25.87 -0.05
CA LYS B 217 2.99 25.77 -1.45
C LYS B 217 2.71 24.34 -1.86
N LEU B 218 1.62 24.17 -2.59
CA LEU B 218 1.23 22.87 -3.13
C LEU B 218 1.64 22.85 -4.59
N TRP B 219 2.48 21.89 -4.96
CA TRP B 219 2.99 21.80 -6.33
C TRP B 219 2.55 20.53 -7.02
N ASP B 220 2.16 20.65 -8.28
CA ASP B 220 2.16 19.51 -9.19
C ASP B 220 3.59 19.41 -9.71
N TYR B 221 4.37 18.49 -9.15
CA TYR B 221 5.80 18.42 -9.46
C TYR B 221 6.07 17.95 -10.89
N SER B 222 5.16 17.16 -11.43
CA SER B 222 5.29 16.68 -12.82
C SER B 222 5.22 17.81 -13.84
N LYS B 223 4.29 18.74 -13.60
CA LYS B 223 4.09 19.91 -14.47
C LYS B 223 4.98 21.06 -14.06
N GLY B 224 5.56 20.98 -12.86
CA GLY B 224 6.36 22.07 -12.32
C GLY B 224 5.49 23.28 -12.08
N LYS B 225 4.28 23.04 -11.58
CA LYS B 225 3.28 24.09 -11.42
C LYS B 225 2.84 24.23 -9.97
N CYS B 226 2.93 25.44 -9.44
CA CYS B 226 2.41 25.73 -8.12
C CYS B 226 0.89 25.96 -8.21
N LEU B 227 0.13 25.16 -7.47
CA LEU B 227 -1.33 25.16 -7.55
C LEU B 227 -2.01 25.94 -6.45
N LYS B 228 -1.42 25.96 -5.27
CA LYS B 228 -1.99 26.66 -4.11
C LYS B 228 -0.88 27.21 -3.24
N THR B 229 -1.16 28.32 -2.55
CA THR B 229 -0.29 28.80 -1.49
C THR B 229 -1.14 28.98 -0.24
N TYR B 230 -0.53 28.77 0.92
CA TYR B 230 -1.20 28.91 2.21
C TYR B 230 -0.34 29.86 3.02
N THR B 231 -0.96 30.94 3.48
CA THR B 231 -0.26 31.99 4.20
C THR B 231 -1.03 32.43 5.45
N GLY B 232 -0.42 33.31 6.22
CA GLY B 232 -1.02 33.88 7.41
C GLY B 232 -0.38 33.43 8.71
N HIS B 233 0.42 32.36 8.65
CA HIS B 233 1.20 31.88 9.78
C HIS B 233 2.60 32.49 9.78
N LYS B 234 3.37 32.19 10.82
CA LYS B 234 4.74 32.67 10.93
C LYS B 234 5.70 31.51 10.75
N ASN B 235 6.52 31.57 9.71
CA ASN B 235 7.55 30.56 9.50
C ASN B 235 8.72 31.17 8.74
N GLU B 236 9.67 31.70 9.51
CA GLU B 236 10.86 32.37 8.97
C GLU B 236 12.18 31.80 9.50
N LYS B 237 12.08 30.95 10.53
CA LYS B 237 13.27 30.52 11.27
C LYS B 237 13.51 29.00 11.38
N TYR B 238 12.44 28.23 11.51
CA TYR B 238 12.53 26.82 11.89
C TYR B 238 11.98 25.88 10.83
N CYS B 239 12.49 24.64 10.83
CA CYS B 239 11.95 23.59 9.97
C CYS B 239 10.72 22.96 10.61
N ILE B 240 9.57 23.56 10.30
CA ILE B 240 8.26 23.17 10.84
C ILE B 240 7.57 22.17 9.93
N PHE B 241 7.07 21.09 10.52
CA PHE B 241 6.36 20.06 9.74
C PHE B 241 5.01 20.59 9.32
N ALA B 242 4.53 20.12 8.17
CA ALA B 242 3.17 20.36 7.73
C ALA B 242 2.54 19.04 7.27
N ASN B 243 1.21 19.03 7.14
CA ASN B 243 0.49 17.78 6.94
C ASN B 243 -0.74 18.00 6.09
N PHE B 244 -1.15 16.94 5.40
CA PHE B 244 -2.47 16.82 4.80
C PHE B 244 -3.37 16.11 5.79
N SER B 245 -4.49 16.73 6.16
CA SER B 245 -5.48 16.06 6.98
C SER B 245 -6.61 15.58 6.07
N VAL B 246 -6.89 14.28 6.12
CA VAL B 246 -7.80 13.67 5.13
C VAL B 246 -8.87 12.75 5.73
N THR B 247 -8.88 12.61 7.04
CA THR B 247 -9.84 11.71 7.72
C THR B 247 -11.25 12.29 7.73
N GLY B 248 -11.34 13.62 7.73
CA GLY B 248 -12.62 14.31 7.68
C GLY B 248 -12.59 15.28 6.52
N GLY B 249 -12.74 16.57 6.83
CA GLY B 249 -12.55 17.60 5.80
C GLY B 249 -11.11 17.61 5.33
N LYS B 250 -10.90 18.10 4.11
CA LYS B 250 -9.55 18.11 3.54
C LYS B 250 -8.86 19.42 3.88
N TRP B 251 -7.90 19.31 4.81
CA TRP B 251 -7.18 20.46 5.32
C TRP B 251 -5.67 20.35 5.12
N ILE B 252 -5.01 21.49 5.23
CA ILE B 252 -3.56 21.58 5.41
C ILE B 252 -3.35 22.00 6.86
N VAL B 253 -2.41 21.36 7.53
CA VAL B 253 -2.14 21.62 8.95
C VAL B 253 -0.65 21.92 9.12
N SER B 254 -0.32 22.95 9.89
CA SER B 254 1.08 23.31 10.14
C SER B 254 1.23 23.98 11.49
N GLY B 255 2.40 23.82 12.08
CA GLY B 255 2.74 24.65 13.22
C GLY B 255 3.16 26.03 12.75
N SER B 256 3.52 26.87 13.71
CA SER B 256 3.80 28.28 13.47
C SER B 256 4.65 28.88 14.58
N GLU B 257 5.40 29.91 14.22
CA GLU B 257 6.31 30.57 15.16
C GLU B 257 5.59 31.57 16.07
N ASP B 258 4.28 31.69 15.91
CA ASP B 258 3.46 32.46 16.86
C ASP B 258 2.74 31.55 17.87
N ASN B 259 3.19 30.29 17.96
CA ASN B 259 2.73 29.33 18.99
C ASN B 259 1.36 28.74 18.70
N LEU B 260 0.87 28.91 17.47
CA LEU B 260 -0.44 28.37 17.08
C LEU B 260 -0.29 27.22 16.09
N VAL B 261 -1.31 26.37 16.04
CA VAL B 261 -1.46 25.39 14.94
C VAL B 261 -2.44 26.02 13.96
N TYR B 262 -2.02 26.13 12.70
CA TYR B 262 -2.89 26.63 11.63
C TYR B 262 -3.51 25.51 10.84
N ILE B 263 -4.80 25.67 10.48
CA ILE B 263 -5.51 24.72 9.63
C ILE B 263 -6.15 25.51 8.50
N TRP B 264 -5.86 25.12 7.27
CA TRP B 264 -6.42 25.76 6.09
C TRP B 264 -7.29 24.80 5.32
N ASN B 265 -8.27 25.34 4.60
CA ASN B 265 -9.01 24.60 3.60
C ASN B 265 -8.06 24.34 2.42
N LEU B 266 -7.87 23.08 2.05
CA LEU B 266 -6.93 22.74 0.99
C LEU B 266 -7.26 23.44 -0.32
N GLN B 267 -8.53 23.45 -0.69
CA GLN B 267 -8.94 24.03 -1.98
C GLN B 267 -9.00 25.56 -2.01
N THR B 268 -9.62 26.15 -0.99
CA THR B 268 -9.86 27.61 -0.99
C THR B 268 -8.70 28.42 -0.42
N LYS B 269 -7.84 27.76 0.37
CA LYS B 269 -6.64 28.36 0.98
C LYS B 269 -6.97 29.23 2.19
N GLU B 270 -8.24 29.26 2.57
CA GLU B 270 -8.65 30.03 3.74
C GLU B 270 -8.26 29.32 5.03
N ILE B 271 -7.82 30.10 6.02
CA ILE B 271 -7.60 29.57 7.37
C ILE B 271 -8.97 29.24 7.95
N VAL B 272 -9.13 28.01 8.43
CA VAL B 272 -10.41 27.56 8.99
C VAL B 272 -10.37 27.37 10.50
N GLN B 273 -9.17 27.23 11.06
CA GLN B 273 -9.01 27.18 12.51
C GLN B 273 -7.56 27.46 12.91
N LYS B 274 -7.40 28.12 14.05
CA LYS B 274 -6.10 28.27 14.70
C LYS B 274 -6.20 27.70 16.10
N LEU B 275 -5.30 26.78 16.46
CA LEU B 275 -5.38 26.12 17.76
C LEU B 275 -4.44 26.78 18.75
N GLN B 276 -5.02 27.34 19.80
CA GLN B 276 -4.28 28.10 20.80
C GLN B 276 -4.07 27.25 22.06
N GLY B 277 -2.87 27.31 22.60
CA GLY B 277 -2.56 26.59 23.82
C GLY B 277 -1.08 26.49 24.09
N HIS B 278 -0.28 26.27 23.05
CA HIS B 278 1.17 26.17 23.24
C HIS B 278 1.78 27.53 23.62
N THR B 279 2.95 27.49 24.26
CA THR B 279 3.60 28.72 24.73
C THR B 279 5.00 28.88 24.11
N ASP B 280 5.25 28.16 23.03
CA ASP B 280 6.47 28.35 22.24
C ASP B 280 6.13 27.91 20.82
N VAL B 281 7.08 28.13 19.91
CA VAL B 281 6.97 27.68 18.52
C VAL B 281 6.44 26.25 18.43
N VAL B 282 5.44 26.05 17.56
CA VAL B 282 4.91 24.71 17.31
C VAL B 282 5.71 24.16 16.14
N ILE B 283 6.69 23.32 16.45
CA ILE B 283 7.66 22.83 15.48
C ILE B 283 7.14 21.64 14.69
N SER B 284 6.19 20.92 15.27
CA SER B 284 5.73 19.71 14.63
C SER B 284 4.25 19.49 14.86
N THR B 285 3.60 18.98 13.83
CA THR B 285 2.21 18.54 13.91
C THR B 285 2.14 17.23 13.17
N ALA B 286 1.17 16.40 13.55
CA ALA B 286 0.89 15.12 12.89
C ALA B 286 -0.61 14.89 12.90
N CYS B 287 -1.11 14.19 11.87
CA CYS B 287 -2.53 13.87 11.75
C CYS B 287 -2.71 12.36 11.88
N HIS B 288 -3.67 11.96 12.71
CA HIS B 288 -3.96 10.54 12.94
C HIS B 288 -4.44 9.84 11.66
N PRO B 289 -4.05 8.57 11.45
CA PRO B 289 -4.39 7.91 10.19
C PRO B 289 -5.87 7.63 9.96
N THR B 290 -6.66 7.51 11.03
CA THR B 290 -8.08 7.13 10.84
C THR B 290 -9.07 8.04 11.54
N GLU B 291 -8.65 8.67 12.63
CA GLU B 291 -9.50 9.58 13.40
C GLU B 291 -9.11 11.02 13.18
N ASN B 292 -10.05 11.93 13.45
CA ASN B 292 -9.79 13.36 13.38
C ASN B 292 -9.05 13.84 14.62
N ILE B 293 -7.78 13.47 14.71
CA ILE B 293 -6.91 13.82 15.84
C ILE B 293 -5.64 14.43 15.28
N ILE B 294 -5.21 15.54 15.88
CA ILE B 294 -3.94 16.18 15.60
C ILE B 294 -3.08 16.15 16.84
N ALA B 295 -1.80 15.83 16.67
CA ALA B 295 -0.78 16.00 17.73
C ALA B 295 0.07 17.18 17.34
N SER B 296 0.37 18.04 18.30
CA SER B 296 1.30 19.17 18.08
C SER B 296 2.36 19.18 19.17
N ALA B 297 3.54 19.73 18.88
CA ALA B 297 4.65 19.75 19.84
C ALA B 297 5.38 21.07 19.72
N ALA B 298 5.92 21.54 20.85
CA ALA B 298 6.53 22.87 20.92
C ALA B 298 7.94 22.87 21.49
N LEU B 299 8.59 24.04 21.34
CA LEU B 299 9.99 24.26 21.74
C LEU B 299 10.14 24.51 23.24
N GLU B 300 11.33 24.91 23.69
CA GLU B 300 11.70 24.70 25.10
C GLU B 300 11.00 25.52 26.19
N ASN B 301 10.33 26.61 25.84
CA ASN B 301 9.49 27.34 26.81
C ASN B 301 8.24 26.52 27.17
N ASP B 302 7.97 25.49 26.38
CA ASP B 302 6.74 24.72 26.44
C ASP B 302 7.08 23.23 26.70
N LYS B 303 7.71 22.55 25.74
CA LYS B 303 8.22 21.17 25.89
C LYS B 303 7.11 20.13 25.97
N THR B 304 5.88 20.51 25.62
CA THR B 304 4.77 19.58 25.67
C THR B 304 4.27 19.21 24.28
N ILE B 305 3.51 18.11 24.25
CA ILE B 305 2.79 17.66 23.09
C ILE B 305 1.32 17.79 23.47
N LYS B 306 0.50 18.25 22.52
CA LYS B 306 -0.92 18.34 22.76
C LYS B 306 -1.70 17.49 21.76
N LEU B 307 -2.78 16.89 22.22
CA LEU B 307 -3.66 16.08 21.38
C LEU B 307 -5.00 16.81 21.29
N TRP B 308 -5.46 17.01 20.05
CA TRP B 308 -6.67 17.76 19.75
C TRP B 308 -7.59 16.86 18.95
N LYS B 309 -8.88 16.93 19.24
CA LYS B 309 -9.86 16.11 18.53
C LYS B 309 -10.98 16.95 17.93
N SER B 310 -11.40 16.57 16.72
CA SER B 310 -12.47 17.26 16.00
C SER B 310 -13.56 16.27 15.60
N ASP B 311 -14.77 16.78 15.45
CA ASP B 311 -15.90 15.98 15.00
C ASP B 311 -15.85 15.75 13.48
N CYS B 312 -15.08 16.60 12.78
CA CYS B 312 -15.00 16.55 11.32
C CYS B 312 -13.64 17.04 10.81
N ALA C 1 -21.25 -16.49 -6.51
CA ALA C 1 -21.28 -17.92 -6.90
C ALA C 1 -20.09 -18.66 -6.29
N ARG C 2 -18.90 -18.05 -6.34
CA ARG C 2 -17.65 -18.74 -5.96
C ARG C 2 -17.62 -19.28 -4.53
N THR C 3 -18.32 -18.57 -3.65
CA THR C 3 -18.31 -18.88 -2.23
C THR C 3 -19.25 -20.04 -1.87
N MLY C 4 -19.96 -20.58 -2.87
CA MLY C 4 -20.83 -21.74 -2.67
CB MLY C 4 -22.28 -21.42 -3.05
CG MLY C 4 -22.92 -20.39 -2.13
CD MLY C 4 -22.90 -20.75 -0.63
CE MLY C 4 -23.62 -19.68 0.20
NZ MLY C 4 -23.15 -19.66 1.60
CH1 MLY C 4 -23.93 -18.66 2.37
CH2 MLY C 4 -23.29 -20.99 2.23
C MLY C 4 -20.32 -22.91 -3.48
O MLY C 4 -19.59 -22.72 -4.45
N GLN C 5 -20.69 -24.13 -3.07
CA GLN C 5 -20.28 -25.34 -3.80
C GLN C 5 -21.21 -25.57 -4.98
N THR C 6 -20.67 -25.59 -6.20
CA THR C 6 -21.50 -25.72 -7.41
C THR C 6 -21.04 -26.80 -8.40
N ALA C 7 -20.00 -27.55 -8.05
CA ALA C 7 -19.43 -28.52 -8.98
C ALA C 7 -19.77 -29.98 -8.66
N ARG C 8 -19.71 -30.81 -9.69
CA ARG C 8 -19.75 -32.27 -9.52
C ARG C 8 -18.51 -32.79 -8.77
N ALA D 1 19.26 19.42 16.25
CA ALA D 1 19.44 20.57 15.33
C ALA D 1 18.11 21.29 15.10
N ARG D 2 17.03 20.54 14.88
CA ARG D 2 15.76 21.16 14.43
C ARG D 2 15.22 22.23 15.37
N THR D 3 15.48 22.06 16.66
CA THR D 3 14.95 22.94 17.68
C THR D 3 15.71 24.25 17.82
N MLY D 4 16.76 24.42 17.01
CA MLY D 4 17.54 25.66 16.96
CB MLY D 4 19.00 25.39 17.33
CG MLY D 4 19.19 24.94 18.77
CD MLY D 4 18.67 25.95 19.81
CE MLY D 4 18.95 25.49 21.23
NZ MLY D 4 17.98 26.03 22.18
CH1 MLY D 4 18.26 25.50 23.51
CH2 MLY D 4 18.05 27.50 22.22
C MLY D 4 17.45 26.29 15.61
O MLY D 4 17.12 25.61 14.63
N GLN D 5 17.73 27.59 15.53
CA GLN D 5 17.68 28.33 14.26
C GLN D 5 19.01 28.17 13.55
N THR D 6 18.98 27.59 12.35
CA THR D 6 20.21 27.28 11.63
C THR D 6 20.24 27.75 10.17
N ALA D 7 19.18 28.43 9.73
CA ALA D 7 19.08 28.81 8.31
C ALA D 7 19.37 30.29 8.02
N ARG D 8 19.77 30.57 6.78
CA ARG D 8 19.85 31.94 6.26
C ARG D 8 18.46 32.57 6.25
#